data_5SCQ
#
_entry.id   5SCQ
#
_cell.length_a   29.280
_cell.length_b   66.880
_cell.length_c   77.360
_cell.angle_alpha   90.000
_cell.angle_beta   90.000
_cell.angle_gamma   90.000
#
_symmetry.space_group_name_H-M   'P 21 21 21'
#
loop_
_entity.id
_entity.type
_entity.pdbx_description
1 polymer 'Dihydrofolate reductase'
2 non-polymer 'NADP NICOTINAMIDE-ADENINE-DINUCLEOTIDE PHOSPHATE'
3 non-polymer N-[2-(2-{3-[(2,4-diamino-6-ethylpyrimidin-5-yl)oxy]propoxy}phenyl)ethanesulfonyl]acetamide
4 water water
#
_entity_poly.entity_id   1
_entity_poly.type   'polypeptide(L)'
_entity_poly.pdbx_seq_one_letter_code
;MGSSHHHHHHSSGLVPRGSHMVGLIWAQATSGVIGRGGDIPWRLPEDQAHFREITMGHTIVMGRRTWDSLPAKVRPLPGR
RNVVLSRQADFMASGAEVVGSLEEALTSPETWVIGGGQVYALALPYATRCEVTEVDIGLPREAGDALAPVLDETWRGETG
EWRFSRSGLRYRLYSYHRS
;
_entity_poly.pdbx_strand_id   A
#
loop_
_chem_comp.id
_chem_comp.type
_chem_comp.name
_chem_comp.formula
GXC non-polymer N-[2-(2-{3-[(2,4-diamino-6-ethylpyrimidin-5-yl)oxy]propoxy}phenyl)ethanesulfonyl]acetamide 'C19 H27 N5 O5 S'
NAP non-polymer 'NADP NICOTINAMIDE-ADENINE-DINUCLEOTIDE PHOSPHATE' 'C21 H28 N7 O17 P3'
#
# COMPACT_ATOMS: atom_id res chain seq x y z
N LEU A 14 -10.30 17.05 -4.77
CA LEU A 14 -9.64 18.02 -3.90
C LEU A 14 -8.26 18.40 -4.43
N VAL A 15 -7.77 17.64 -5.41
CA VAL A 15 -6.40 17.74 -5.88
C VAL A 15 -6.39 18.56 -7.16
N PRO A 16 -5.77 19.75 -7.18
CA PRO A 16 -5.59 20.46 -8.44
C PRO A 16 -4.79 19.60 -9.41
N ARG A 17 -5.17 19.67 -10.70
CA ARG A 17 -4.63 18.71 -11.65
C ARG A 17 -3.16 18.99 -11.97
N GLY A 18 -2.68 20.20 -11.70
CA GLY A 18 -1.27 20.51 -11.85
C GLY A 18 -0.39 20.06 -10.71
N SER A 19 -0.96 19.54 -9.64
CA SER A 19 -0.16 19.13 -8.50
C SER A 19 0.17 17.64 -8.61
N HIS A 20 0.89 17.12 -7.63
CA HIS A 20 1.30 15.71 -7.61
C HIS A 20 1.08 15.16 -6.20
N MET A 21 -0.13 14.66 -5.94
CA MET A 21 -0.41 14.04 -4.64
C MET A 21 0.08 12.60 -4.65
N VAL A 22 0.87 12.25 -3.64
CA VAL A 22 1.30 10.88 -3.43
C VAL A 22 0.73 10.40 -2.10
N GLY A 23 0.03 9.27 -2.15
CA GLY A 23 -0.51 8.65 -0.94
C GLY A 23 0.01 7.24 -0.81
N LEU A 24 0.15 6.79 0.43
CA LEU A 24 0.48 5.41 0.74
C LEU A 24 -0.75 4.75 1.35
N ILE A 25 -0.99 3.49 1.01
CA ILE A 25 -2.07 2.74 1.63
C ILE A 25 -1.54 1.35 1.98
N TRP A 26 -1.78 0.91 3.21
CA TRP A 26 -1.31 -0.39 3.68
C TRP A 26 -2.18 -0.87 4.83
N ALA A 27 -2.07 -2.17 5.10
CA ALA A 27 -2.69 -2.81 6.25
C ALA A 27 -1.58 -3.42 7.09
N GLN A 28 -1.60 -3.16 8.41
CA GLN A 28 -0.54 -3.69 9.26
C GLN A 28 -1.12 -4.36 10.48
N ALA A 29 -0.42 -5.40 10.94
CA ALA A 29 -0.60 -5.88 12.29
C ALA A 29 -0.19 -4.79 13.28
N THR A 30 -0.64 -4.93 14.54
CA THR A 30 -0.30 -3.93 15.53
CA THR A 30 -0.28 -3.96 15.57
C THR A 30 1.22 -3.78 15.67
N SER A 31 1.97 -4.84 15.42
CA SER A 31 3.43 -4.81 15.52
C SER A 31 4.10 -4.07 14.37
N GLY A 32 3.36 -3.72 13.32
CA GLY A 32 3.96 -3.15 12.12
C GLY A 32 4.22 -4.14 11.00
N VAL A 33 4.02 -5.45 11.23
CA VAL A 33 4.21 -6.41 10.15
C VAL A 33 3.18 -6.17 9.06
N ILE A 34 3.64 -6.06 7.81
CA ILE A 34 2.74 -6.02 6.65
C ILE A 34 2.89 -7.22 5.74
N GLY A 35 4.00 -7.93 5.79
CA GLY A 35 4.27 -8.96 4.80
C GLY A 35 5.21 -9.99 5.39
N ARG A 36 5.01 -11.24 4.97
CA ARG A 36 5.78 -12.37 5.49
C ARG A 36 5.66 -13.51 4.51
N GLY A 37 6.79 -14.14 4.17
CA GLY A 37 6.75 -15.28 3.28
C GLY A 37 6.17 -15.00 1.90
N GLY A 38 6.27 -13.75 1.45
CA GLY A 38 5.75 -13.37 0.14
C GLY A 38 4.26 -13.15 0.11
N ASP A 39 3.63 -12.95 1.26
CA ASP A 39 2.20 -12.83 1.34
C ASP A 39 1.86 -11.85 2.47
N ILE A 40 0.57 -11.58 2.62
CA ILE A 40 0.04 -10.85 3.77
C ILE A 40 -0.45 -11.89 4.78
N PRO A 41 0.01 -11.85 6.03
CA PRO A 41 -0.26 -12.97 6.95
C PRO A 41 -1.58 -12.86 7.72
N TRP A 42 -2.64 -12.47 7.02
CA TRP A 42 -4.02 -12.55 7.54
C TRP A 42 -4.94 -12.40 6.33
N ARG A 43 -6.22 -12.66 6.57
CA ARG A 43 -7.27 -12.54 5.56
C ARG A 43 -8.34 -11.59 6.08
N LEU A 44 -8.60 -10.53 5.35
CA LEU A 44 -9.54 -9.50 5.82
C LEU A 44 -10.26 -8.89 4.62
N PRO A 45 -11.38 -9.49 4.22
CA PRO A 45 -12.11 -8.96 3.05
C PRO A 45 -12.57 -7.54 3.22
N GLU A 46 -12.88 -7.12 4.46
CA GLU A 46 -13.25 -5.74 4.71
C GLU A 46 -12.14 -4.78 4.29
N ASP A 47 -10.89 -5.17 4.49
CA ASP A 47 -9.78 -4.31 4.10
C ASP A 47 -9.57 -4.33 2.58
N GLN A 48 -9.78 -5.48 1.96
CA GLN A 48 -9.72 -5.53 0.50
C GLN A 48 -10.74 -4.56 -0.12
N ALA A 49 -11.95 -4.53 0.41
CA ALA A 49 -12.97 -3.62 -0.11
C ALA A 49 -12.56 -2.17 0.10
N HIS A 50 -12.04 -1.86 1.29
CA HIS A 50 -11.57 -0.51 1.59
C HIS A 50 -10.44 -0.09 0.65
N PHE A 51 -9.48 -0.98 0.44
CA PHE A 51 -8.35 -0.69 -0.44
C PHE A 51 -8.83 -0.42 -1.86
N ARG A 52 -9.78 -1.25 -2.32
CA ARG A 52 -10.37 -1.08 -3.64
C ARG A 52 -11.08 0.25 -3.78
N GLU A 53 -11.86 0.65 -2.76
CA GLU A 53 -12.62 1.89 -2.87
C GLU A 53 -11.70 3.10 -2.97
N ILE A 54 -10.57 3.07 -2.26
CA ILE A 54 -9.65 4.21 -2.28
C ILE A 54 -8.87 4.25 -3.59
N THR A 55 -8.43 3.11 -4.08
CA THR A 55 -7.50 3.11 -5.21
C THR A 55 -8.18 3.00 -6.57
N MET A 56 -9.46 2.64 -6.64
CA MET A 56 -10.07 2.37 -7.94
C MET A 56 -9.98 3.58 -8.84
N GLY A 57 -9.61 3.35 -10.10
CA GLY A 57 -9.47 4.41 -11.08
C GLY A 57 -8.15 5.16 -11.07
N HIS A 58 -7.27 4.91 -10.11
CA HIS A 58 -6.03 5.67 -9.96
C HIS A 58 -4.83 4.90 -10.50
N THR A 59 -3.74 5.63 -10.68
CA THR A 59 -2.44 5.01 -10.86
C THR A 59 -1.98 4.43 -9.53
N ILE A 60 -1.56 3.16 -9.55
CA ILE A 60 -1.02 2.53 -8.35
C ILE A 60 0.41 2.11 -8.64
N VAL A 61 1.28 2.27 -7.64
CA VAL A 61 2.69 1.96 -7.76
C VAL A 61 3.04 0.92 -6.73
N MET A 62 3.73 -0.14 -7.17
CA MET A 62 4.10 -1.24 -6.29
C MET A 62 5.49 -1.73 -6.63
N GLY A 63 6.17 -2.30 -5.63
CA GLY A 63 7.43 -2.96 -5.89
C GLY A 63 7.24 -4.30 -6.57
N ARG A 64 8.33 -4.80 -7.18
CA ARG A 64 8.22 -6.04 -7.94
C ARG A 64 7.77 -7.20 -7.04
N ARG A 65 8.24 -7.26 -5.79
CA ARG A 65 7.83 -8.36 -4.94
C ARG A 65 6.34 -8.30 -4.61
N THR A 66 5.77 -7.10 -4.57
CA THR A 66 4.32 -7.00 -4.35
C THR A 66 3.56 -7.46 -5.60
N TRP A 67 4.06 -7.12 -6.79
CA TRP A 67 3.47 -7.69 -7.99
C TRP A 67 3.44 -9.21 -7.91
N ASP A 68 4.58 -9.80 -7.49
CA ASP A 68 4.66 -11.26 -7.38
C ASP A 68 3.65 -11.80 -6.38
N SER A 69 3.32 -11.00 -5.37
CA SER A 69 2.47 -11.46 -4.28
C SER A 69 0.99 -11.39 -4.62
N LEU A 70 0.61 -10.70 -5.68
CA LEU A 70 -0.79 -10.53 -6.03
C LEU A 70 -1.38 -11.87 -6.42
N PRO A 71 -2.57 -12.22 -5.92
CA PRO A 71 -3.26 -13.40 -6.44
C PRO A 71 -3.47 -13.26 -7.94
N ALA A 72 -3.32 -14.37 -8.66
CA ALA A 72 -3.42 -14.35 -10.11
C ALA A 72 -4.76 -13.78 -10.57
N LYS A 73 -5.82 -14.00 -9.81
CA LYS A 73 -7.14 -13.49 -10.16
C LYS A 73 -7.17 -11.97 -10.27
N VAL A 74 -6.26 -11.26 -9.58
CA VAL A 74 -6.24 -9.80 -9.61
C VAL A 74 -4.82 -9.32 -9.90
N ARG A 75 -4.14 -9.97 -10.83
CA ARG A 75 -2.84 -9.51 -11.29
C ARG A 75 -2.89 -9.32 -12.80
N PRO A 76 -2.96 -8.09 -13.32
CA PRO A 76 -2.91 -6.82 -12.58
C PRO A 76 -4.17 -6.54 -11.79
N LEU A 77 -4.08 -5.62 -10.84
CA LEU A 77 -5.24 -5.18 -10.08
C LEU A 77 -6.18 -4.47 -11.04
N PRO A 78 -7.40 -4.96 -11.24
CA PRO A 78 -8.23 -4.42 -12.32
C PRO A 78 -8.73 -3.01 -12.01
N GLY A 79 -8.96 -2.24 -13.07
CA GLY A 79 -9.53 -0.90 -12.97
C GLY A 79 -8.56 0.16 -12.49
N ARG A 80 -7.27 -0.15 -12.41
CA ARG A 80 -6.23 0.77 -11.96
C ARG A 80 -5.05 0.63 -12.91
N ARG A 81 -4.33 1.73 -13.09
CA ARG A 81 -3.11 1.68 -13.91
C ARG A 81 -1.99 1.13 -13.04
N ASN A 82 -1.59 -0.12 -13.28
CA ASN A 82 -0.60 -0.80 -12.44
C ASN A 82 0.80 -0.42 -12.89
N VAL A 83 1.59 0.12 -11.98
CA VAL A 83 2.99 0.47 -12.23
C VAL A 83 3.86 -0.36 -11.28
N VAL A 84 4.84 -1.07 -11.83
CA VAL A 84 5.70 -1.96 -11.06
C VAL A 84 7.13 -1.42 -11.10
N LEU A 85 7.71 -1.22 -9.93
CA LEU A 85 9.09 -0.76 -9.84
CA LEU A 85 9.09 -0.76 -9.84
C LEU A 85 10.01 -1.98 -9.81
N SER A 86 10.95 -2.03 -10.75
CA SER A 86 11.93 -3.12 -10.81
C SER A 86 13.20 -2.59 -11.44
N ARG A 87 14.33 -3.16 -11.04
CA ARG A 87 15.59 -2.91 -11.73
C ARG A 87 15.85 -3.92 -12.84
N GLN A 88 14.97 -4.91 -13.00
CA GLN A 88 15.10 -5.95 -14.02
C GLN A 88 14.47 -5.45 -15.32
N ALA A 89 15.32 -5.10 -16.29
CA ALA A 89 14.80 -4.60 -17.57
C ALA A 89 13.88 -5.61 -18.25
N ASP A 90 14.15 -6.91 -18.08
CA ASP A 90 13.40 -7.94 -18.79
C ASP A 90 12.19 -8.46 -18.00
N PHE A 91 11.78 -7.77 -16.94
CA PHE A 91 10.73 -8.33 -16.09
C PHE A 91 9.40 -8.39 -16.86
N MET A 92 8.71 -9.53 -16.75
CA MET A 92 7.41 -9.72 -17.38
C MET A 92 6.33 -9.39 -16.37
N ALA A 93 5.57 -8.30 -16.62
CA ALA A 93 4.41 -7.92 -15.82
C ALA A 93 3.26 -7.63 -16.80
N SER A 94 2.63 -8.71 -17.29
CA SER A 94 1.61 -8.56 -18.31
C SER A 94 0.41 -7.81 -17.75
N GLY A 95 -0.03 -6.80 -18.49
CA GLY A 95 -1.11 -5.95 -18.03
C GLY A 95 -0.68 -4.79 -17.16
N ALA A 96 0.62 -4.66 -16.88
CA ALA A 96 1.16 -3.56 -16.10
C ALA A 96 2.26 -2.89 -16.92
N GLU A 97 2.88 -1.89 -16.32
CA GLU A 97 4.07 -1.26 -16.89
C GLU A 97 5.15 -1.33 -15.84
N VAL A 98 6.38 -1.54 -16.30
CA VAL A 98 7.53 -1.66 -15.41
C VAL A 98 8.39 -0.42 -15.58
N VAL A 99 8.70 0.25 -14.48
CA VAL A 99 9.57 1.42 -14.52
C VAL A 99 10.78 1.16 -13.65
N GLY A 100 11.90 1.77 -14.02
CA GLY A 100 13.16 1.56 -13.35
C GLY A 100 13.49 2.57 -12.28
N SER A 101 12.61 3.53 -12.03
CA SER A 101 12.88 4.56 -11.05
C SER A 101 11.56 5.11 -10.53
N LEU A 102 11.60 5.64 -9.32
CA LEU A 102 10.41 6.25 -8.73
C LEU A 102 9.95 7.47 -9.53
N GLU A 103 10.87 8.16 -10.19
CA GLU A 103 10.52 9.38 -10.91
C GLU A 103 9.52 9.10 -12.03
N GLU A 104 9.77 8.07 -12.83
CA GLU A 104 8.81 7.70 -13.87
C GLU A 104 7.53 7.10 -13.30
N ALA A 105 7.53 6.73 -12.02
CA ALA A 105 6.34 6.13 -11.44
C ALA A 105 5.35 7.17 -10.91
N LEU A 106 5.81 8.38 -10.59
CA LEU A 106 4.98 9.36 -9.89
C LEU A 106 4.59 10.54 -10.76
N THR A 107 4.19 10.27 -12.01
CA THR A 107 3.87 11.33 -12.95
C THR A 107 2.40 11.75 -12.94
N SER A 108 1.52 10.94 -12.35
CA SER A 108 0.10 11.27 -12.34
C SER A 108 -0.21 12.34 -11.29
N PRO A 109 -1.32 13.07 -11.46
CA PRO A 109 -1.72 14.04 -10.42
C PRO A 109 -2.01 13.39 -9.07
N GLU A 110 -2.48 12.14 -9.06
CA GLU A 110 -2.71 11.39 -7.83
C GLU A 110 -2.14 10.00 -8.02
N THR A 111 -1.32 9.56 -7.07
CA THR A 111 -0.74 8.23 -7.10
C THR A 111 -0.94 7.58 -5.75
N TRP A 112 -1.33 6.31 -5.76
CA TRP A 112 -1.37 5.50 -4.54
C TRP A 112 -0.25 4.47 -4.59
N VAL A 113 0.65 4.55 -3.63
CA VAL A 113 1.72 3.58 -3.47
C VAL A 113 1.17 2.46 -2.61
N ILE A 114 1.17 1.23 -3.14
CA ILE A 114 0.43 0.13 -2.51
C ILE A 114 1.34 -0.95 -1.95
N GLY A 115 2.63 -0.69 -1.82
CA GLY A 115 3.56 -1.61 -1.19
C GLY A 115 4.69 -2.01 -2.14
N GLY A 116 5.66 -2.74 -1.58
CA GLY A 116 5.65 -3.21 -0.20
C GLY A 116 6.58 -2.42 0.70
N GLY A 117 7.23 -3.12 1.63
CA GLY A 117 8.06 -2.44 2.61
C GLY A 117 9.12 -1.55 1.98
N GLN A 118 9.81 -2.05 0.96
CA GLN A 118 10.86 -1.25 0.33
C GLN A 118 10.28 -0.01 -0.32
N VAL A 119 9.17 -0.19 -1.05
CA VAL A 119 8.64 0.93 -1.82
C VAL A 119 7.96 1.96 -0.93
N TYR A 120 7.34 1.53 0.19
CA TYR A 120 6.81 2.52 1.13
C TYR A 120 7.92 3.40 1.66
N ALA A 121 9.07 2.80 2.00
CA ALA A 121 10.20 3.59 2.48
C ALA A 121 10.67 4.58 1.44
N LEU A 122 10.70 4.16 0.17
CA LEU A 122 11.14 5.02 -0.93
C LEU A 122 10.20 6.21 -1.11
N ALA A 123 8.90 5.98 -1.00
CA ALA A 123 7.90 6.97 -1.37
C ALA A 123 7.47 7.87 -0.22
N LEU A 124 7.61 7.42 1.04
CA LEU A 124 7.09 8.19 2.17
C LEU A 124 7.54 9.64 2.21
N PRO A 125 8.80 10.01 1.91
CA PRO A 125 9.17 11.43 1.97
C PRO A 125 8.37 12.32 1.04
N TYR A 126 7.78 11.79 -0.03
CA TYR A 126 6.97 12.60 -0.95
C TYR A 126 5.49 12.59 -0.62
N ALA A 127 5.08 11.76 0.33
CA ALA A 127 3.67 11.48 0.53
C ALA A 127 3.02 12.53 1.42
N THR A 128 1.76 12.82 1.16
CA THR A 128 0.97 13.69 2.01
C THR A 128 -0.29 13.01 2.53
N ARG A 129 -0.55 11.76 2.14
CA ARG A 129 -1.65 10.98 2.69
C ARG A 129 -1.18 9.56 2.98
N CYS A 130 -1.63 9.00 4.11
CA CYS A 130 -1.49 7.59 4.41
C CYS A 130 -2.84 7.06 4.84
N GLU A 131 -3.31 6.01 4.18
CA GLU A 131 -4.53 5.32 4.57
C GLU A 131 -4.12 3.97 5.14
N VAL A 132 -4.28 3.81 6.45
CA VAL A 132 -3.73 2.66 7.15
C VAL A 132 -4.86 1.84 7.75
N THR A 133 -4.83 0.53 7.51
CA THR A 133 -5.68 -0.40 8.24
C THR A 133 -4.83 -1.07 9.31
N GLU A 134 -5.24 -0.97 10.57
CA GLU A 134 -4.58 -1.71 11.64
C GLU A 134 -5.38 -2.96 11.95
N VAL A 135 -4.74 -4.11 11.85
CA VAL A 135 -5.38 -5.39 12.14
C VAL A 135 -4.96 -5.79 13.53
N ASP A 136 -5.94 -6.08 14.40
CA ASP A 136 -5.69 -6.37 15.81
C ASP A 136 -5.22 -7.81 15.93
N ILE A 137 -4.01 -8.04 15.46
CA ILE A 137 -3.41 -9.37 15.44
C ILE A 137 -1.98 -9.23 15.94
N GLY A 138 -1.63 -10.01 16.95
CA GLY A 138 -0.36 -9.84 17.62
C GLY A 138 0.77 -10.62 17.00
N LEU A 139 0.97 -10.46 15.70
CA LEU A 139 2.09 -11.09 15.02
C LEU A 139 3.39 -10.41 15.41
N PRO A 140 4.31 -11.07 16.10
CA PRO A 140 5.58 -10.41 16.41
C PRO A 140 6.43 -10.24 15.16
N ARG A 141 7.22 -9.18 15.16
CA ARG A 141 8.16 -8.94 14.07
C ARG A 141 9.23 -10.03 14.05
N GLU A 142 9.48 -10.58 12.87
CA GLU A 142 10.41 -11.68 12.72
C GLU A 142 11.38 -11.36 11.60
N ALA A 143 12.52 -12.07 11.62
CA ALA A 143 13.51 -11.90 10.57
C ALA A 143 12.88 -12.08 9.19
N GLY A 144 13.16 -11.12 8.30
CA GLY A 144 12.66 -11.21 6.94
C GLY A 144 11.29 -10.59 6.71
N ASP A 145 10.58 -10.20 7.77
CA ASP A 145 9.26 -9.59 7.58
C ASP A 145 9.38 -8.26 6.83
N ALA A 146 8.36 -7.96 6.04
CA ALA A 146 8.16 -6.61 5.51
C ALA A 146 7.41 -5.81 6.55
N LEU A 147 7.86 -4.57 6.80
CA LEU A 147 7.30 -3.75 7.87
C LEU A 147 6.73 -2.46 7.32
N ALA A 148 5.68 -1.95 8.00
CA ALA A 148 5.10 -0.67 7.68
C ALA A 148 6.11 0.45 7.96
N PRO A 149 6.05 1.54 7.21
CA PRO A 149 6.93 2.67 7.50
C PRO A 149 6.54 3.33 8.80
N VAL A 150 7.53 3.96 9.42
CA VAL A 150 7.33 4.76 10.63
C VAL A 150 6.87 6.15 10.23
N LEU A 151 5.77 6.63 10.83
CA LEU A 151 5.27 7.98 10.60
C LEU A 151 5.70 8.88 11.74
N ASP A 152 6.37 9.99 11.40
CA ASP A 152 6.86 10.93 12.40
C ASP A 152 5.75 11.89 12.82
N GLU A 153 6.12 12.90 13.60
CA GLU A 153 5.18 13.86 14.16
C GLU A 153 4.65 14.86 13.14
N THR A 154 5.17 14.88 11.91
CA THR A 154 4.59 15.75 10.89
C THR A 154 3.25 15.23 10.40
N TRP A 155 2.93 13.98 10.68
CA TRP A 155 1.67 13.39 10.25
C TRP A 155 0.60 13.63 11.31
N ARG A 156 -0.64 13.69 10.84
CA ARG A 156 -1.77 13.90 11.74
C ARG A 156 -2.99 13.29 11.07
N GLY A 157 -4.01 12.99 11.85
CA GLY A 157 -5.22 12.46 11.25
C GLY A 157 -6.17 11.88 12.27
N GLU A 158 -7.09 11.07 11.76
CA GLU A 158 -8.19 10.54 12.54
C GLU A 158 -8.03 9.03 12.69
N THR A 159 -8.34 8.53 13.88
CA THR A 159 -8.32 7.11 14.21
C THR A 159 -9.76 6.63 14.31
N GLY A 160 -10.12 5.64 13.49
CA GLY A 160 -11.46 5.10 13.55
C GLY A 160 -11.66 4.14 14.73
N GLU A 161 -12.91 3.74 14.90
CA GLU A 161 -13.26 2.79 15.95
C GLU A 161 -12.93 1.37 15.52
N TRP A 162 -12.66 0.51 16.51
CA TRP A 162 -12.51 -0.92 16.21
C TRP A 162 -13.81 -1.49 15.69
N ARG A 163 -13.70 -2.40 14.72
CA ARG A 163 -14.82 -3.14 14.18
C ARG A 163 -14.42 -4.61 14.05
N PHE A 164 -15.37 -5.50 14.27
CA PHE A 164 -15.15 -6.92 14.00
C PHE A 164 -15.41 -7.21 12.53
N SER A 165 -14.48 -7.92 11.91
CA SER A 165 -14.74 -8.50 10.61
C SER A 165 -15.75 -9.63 10.75
N ARG A 166 -16.19 -10.16 9.60
CA ARG A 166 -17.09 -11.31 9.60
C ARG A 166 -16.54 -12.45 10.46
N SER A 167 -15.23 -12.64 10.45
CA SER A 167 -14.58 -13.76 11.12
C SER A 167 -14.33 -13.51 12.60
N GLY A 168 -14.54 -12.29 13.08
CA GLY A 168 -14.19 -11.95 14.44
C GLY A 168 -12.82 -11.35 14.60
N LEU A 169 -12.10 -11.15 13.49
CA LEU A 169 -10.84 -10.42 13.53
C LEU A 169 -11.18 -8.94 13.62
N ARG A 170 -10.47 -8.23 14.49
CA ARG A 170 -10.75 -6.83 14.74
C ARG A 170 -9.83 -5.96 13.89
N TYR A 171 -10.35 -4.81 13.45
CA TYR A 171 -9.55 -3.89 12.63
C TYR A 171 -10.09 -2.47 12.81
N ARG A 172 -9.22 -1.50 12.52
CA ARG A 172 -9.63 -0.10 12.52
C ARG A 172 -8.84 0.64 11.46
N LEU A 173 -9.39 1.77 11.04
CA LEU A 173 -8.85 2.56 9.94
C LEU A 173 -8.29 3.87 10.46
N TYR A 174 -7.13 4.24 9.94
CA TYR A 174 -6.51 5.54 10.17
C TYR A 174 -6.44 6.29 8.86
N SER A 175 -6.78 7.57 8.88
CA SER A 175 -6.55 8.43 7.73
C SER A 175 -5.59 9.53 8.15
N TYR A 176 -4.36 9.46 7.68
CA TYR A 176 -3.32 10.42 8.03
C TYR A 176 -3.04 11.35 6.86
N HIS A 177 -2.62 12.56 7.19
CA HIS A 177 -2.15 13.48 6.16
C HIS A 177 -1.10 14.40 6.77
N ARG A 178 -0.40 15.10 5.89
CA ARG A 178 0.54 16.13 6.32
C ARG A 178 0.65 17.17 5.21
N SER A 179 1.34 18.26 5.53
CA SER A 179 1.44 19.38 4.61
C SER A 179 2.38 19.08 3.44
PA NAP B . 8.52 -4.62 -2.54
O1A NAP B . 7.11 -4.92 -2.89
O2A NAP B . 8.71 -3.28 -1.94
O5B NAP B . 9.44 -4.83 -3.87
C5B NAP B . 10.83 -4.73 -3.76
C4B NAP B . 11.32 -4.71 -5.22
O4B NAP B . 11.05 -3.53 -5.78
C3B NAP B . 12.85 -4.80 -5.25
O3B NAP B . 13.25 -6.13 -5.11
C2B NAP B . 13.10 -4.18 -6.63
O2B NAP B . 12.63 -5.11 -7.68
C1B NAP B . 12.29 -3.15 -6.70
N9A NAP B . 12.79 -1.90 -6.11
C8A NAP B . 12.91 -1.49 -4.85
N7A NAP B . 13.42 -0.26 -4.85
C5A NAP B . 13.59 0.11 -6.15
C6A NAP B . 14.08 1.28 -6.72
N6A NAP B . 14.53 2.46 -6.02
N1A NAP B . 14.14 1.40 -8.04
C2A NAP B . 13.77 0.35 -8.83
N3A NAP B . 13.28 -0.79 -8.30
C4A NAP B . 13.19 -0.90 -6.94
O3 NAP B . 9.15 -5.84 -1.63
PN NAP B . 8.97 -6.08 0.03
O1N NAP B . 9.55 -4.94 0.84
O2N NAP B . 9.67 -7.42 0.25
O5D NAP B . 7.36 -6.21 0.32
C5D NAP B . 6.62 -7.25 -0.27
C4D NAP B . 5.88 -7.87 0.92
O4D NAP B . 5.02 -6.97 1.41
C3D NAP B . 5.04 -9.08 0.53
O3D NAP B . 5.00 -9.97 1.58
C2D NAP B . 3.64 -8.44 0.30
O2D NAP B . 2.62 -9.51 0.37
C1D NAP B . 3.55 -7.58 1.31
N1N NAP B . 2.62 -6.48 1.12
C2N NAP B . 1.77 -6.11 2.13
C3N NAP B . 0.87 -5.04 1.95
C7N NAP B . -0.05 -4.66 3.06
O7N NAP B . -0.72 -3.70 2.99
N7N NAP B . -0.12 -5.52 4.21
C4N NAP B . 0.86 -4.33 0.77
C5N NAP B . 1.73 -4.70 -0.23
C6N NAP B . 2.62 -5.77 -0.06
P2B NAP B . 13.71 -6.08 -8.47
O1X NAP B . 14.80 -5.23 -9.04
O2X NAP B . 12.84 -6.78 -9.49
O3X NAP B . 14.25 -7.06 -7.43
C10 GXC C . -3.02 -3.73 0.41
C13 GXC C . -2.03 -5.38 -2.79
C17 GXC C . -4.22 -8.97 -1.89
C20 GXC C . -6.91 -8.91 -2.55
C21 GXC C . -6.12 -7.82 -2.82
C22 GXC C . -6.74 -6.59 -3.45
C28 GXC C . -10.36 -6.80 -6.52
C01 GXC C . -5.88 -5.77 0.35
C02 GXC C . -4.45 -5.73 0.96
C03 GXC C . -4.05 -4.29 1.12
N04 GXC C . -4.74 -3.54 2.00
C05 GXC C . -4.40 -2.27 2.16
N06 GXC C . -5.10 -1.53 3.06
N07 GXC C . -3.41 -1.66 1.50
C08 GXC C . -2.71 -2.39 0.63
N09 GXC C . -1.70 -1.80 -0.06
O11 GXC C . -2.27 -4.45 -0.51
C12 GXC C . -2.70 -4.32 -1.90
C14 GXC C . -2.57 -6.76 -2.41
O15 GXC C . -3.99 -6.73 -2.75
C16 GXC C . -4.76 -7.84 -2.49
C18 GXC C . -5.03 -10.07 -1.63
C19 GXC C . -6.37 -10.05 -1.96
C23 GXC C . -7.67 -6.91 -4.65
S24 GXC C . -8.79 -5.46 -4.78
O25 GXC C . -7.90 -4.18 -4.92
O26 GXC C . -9.89 -5.53 -3.65
N27 GXC C . -9.54 -5.70 -6.31
C29 GXC C . -10.95 -6.82 -7.90
O30 GXC C . -10.54 -7.60 -5.65
#